data_3BU5
#
_entry.id   3BU5
#
_cell.length_a   46.750
_cell.length_b   84.428
_cell.length_c   50.601
_cell.angle_alpha   90.00
_cell.angle_beta   112.88
_cell.angle_gamma   90.00
#
_symmetry.space_group_name_H-M   'P 1 21 1'
#
loop_
_entity.id
_entity.type
_entity.pdbx_description
1 polymer 'insulin receptor subunit beta'
2 polymer 'Insulin receptor substrate 2'
3 non-polymer 'MAGNESIUM ION'
4 non-polymer "ADENOSINE-5'-TRIPHOSPHATE"
5 water water
#
loop_
_entity_poly.entity_id
_entity_poly.type
_entity_poly.pdbx_seq_one_letter_code
_entity_poly.pdbx_strand_id
1 'polypeptide(L)'
;VFPSSVYVPDEWEVSREKITLLRELGQGSFGMVYEGNARDIIKGEAETRVAVKTVNESASLRERIEFLNEASVMKGFTCH
HVVRLLGVVSKGQPTLVVMELMAHGDLKSYLRSLRPEAENNPGRPPPTLQEMIQMAAEIADGMAYLNAKKFVHRDLAARN
CMVAHDFTVKIGDFGMTRDI(PTR)ETD(PTR)(PTR)RKGGKGLLPVRWMAPESLKDGVFTTSSDMWSFGVVLWEITSL
AEQPYQGLSNEQVLKFVMDGGYLDQPDNCPERVTDLMRMCWQFNPNMRPTFLEIVNLLKDDLHPSFPEVSFFHSEENK
;
A
2 'polypeptide(L)' AYNPYPEDYGDIEIG B
#
# COMPACT_ATOMS: atom_id res chain seq x y z
N ASP A 10 -13.81 -1.85 24.32
CA ASP A 10 -13.32 -1.28 23.03
C ASP A 10 -13.05 0.22 23.09
N GLU A 11 -11.78 0.59 23.21
CA GLU A 11 -11.33 1.99 23.14
C GLU A 11 -11.46 2.57 21.71
N TRP A 12 -11.71 1.69 20.74
CA TRP A 12 -11.85 2.04 19.32
C TRP A 12 -13.30 2.24 18.88
N GLU A 13 -14.23 1.87 19.77
CA GLU A 13 -15.66 1.90 19.49
C GLU A 13 -16.20 3.33 19.31
N VAL A 14 -16.97 3.52 18.25
CA VAL A 14 -17.60 4.80 17.96
C VAL A 14 -19.11 4.61 17.90
N SER A 15 -19.85 5.57 18.45
CA SER A 15 -21.31 5.59 18.38
C SER A 15 -21.75 5.77 16.93
N ARG A 16 -22.64 4.90 16.46
CA ARG A 16 -23.07 4.88 15.06
C ARG A 16 -23.74 6.16 14.61
N GLU A 17 -24.46 6.80 15.52
CA GLU A 17 -25.16 8.05 15.23
C GLU A 17 -24.20 9.17 14.82
N LYS A 18 -22.92 8.97 15.13
CA LYS A 18 -21.89 9.94 14.81
C LYS A 18 -21.36 9.84 13.37
N ILE A 19 -21.64 8.73 12.68
CA ILE A 19 -21.23 8.54 11.29
C ILE A 19 -22.33 8.91 10.27
N THR A 20 -21.98 9.74 9.28
CA THR A 20 -22.84 9.99 8.13
C THR A 20 -22.09 9.68 6.82
N LEU A 21 -22.66 8.77 6.01
CA LEU A 21 -22.14 8.44 4.68
C LEU A 21 -22.59 9.46 3.63
N LEU A 22 -21.65 9.93 2.82
CA LEU A 22 -21.90 11.02 1.89
C LEU A 22 -21.84 10.58 0.42
N ARG A 23 -20.81 9.83 0.07
CA ARG A 23 -20.71 9.20 -1.24
C ARG A 23 -19.83 7.96 -1.21
N GLU A 24 -19.87 7.21 -2.31
CA GLU A 24 -19.02 6.05 -2.52
C GLU A 24 -17.67 6.52 -3.00
N LEU A 25 -16.62 5.99 -2.40
CA LEU A 25 -15.26 6.32 -2.80
C LEU A 25 -14.66 5.29 -3.74
N GLY A 26 -14.88 4.02 -3.43
CA GLY A 26 -14.29 2.95 -4.23
C GLY A 26 -14.80 1.58 -3.82
N GLN A 27 -15.11 0.75 -4.81
CA GLN A 27 -15.62 -0.59 -4.57
C GLN A 27 -14.49 -1.59 -4.29
N GLY A 31 -16.89 -5.13 -0.65
CA GLY A 31 -17.12 -4.15 0.39
C GLY A 31 -16.91 -2.72 -0.09
N MET A 32 -17.94 -1.91 0.00
CA MET A 32 -17.87 -0.51 -0.43
C MET A 32 -17.13 0.36 0.59
N VAL A 33 -16.13 1.10 0.11
CA VAL A 33 -15.50 2.19 0.87
C VAL A 33 -16.26 3.50 0.57
N TYR A 34 -16.61 4.24 1.62
CA TYR A 34 -17.38 5.47 1.52
C TYR A 34 -16.59 6.65 2.04
N GLU A 35 -16.88 7.82 1.50
CA GLU A 35 -16.52 9.05 2.18
C GLU A 35 -17.65 9.36 3.18
N GLY A 36 -17.27 9.65 4.41
CA GLY A 36 -18.24 9.96 5.45
C GLY A 36 -17.90 11.17 6.31
N ASN A 37 -18.85 11.57 7.14
CA ASN A 37 -18.61 12.53 8.22
C ASN A 37 -18.69 11.78 9.53
N ALA A 38 -17.74 12.03 10.40
CA ALA A 38 -17.75 11.48 11.73
C ALA A 38 -17.70 12.61 12.77
N ARG A 39 -18.75 12.71 13.58
CA ARG A 39 -18.78 13.69 14.64
C ARG A 39 -18.00 13.19 15.83
N ASP A 40 -17.16 14.07 16.38
CA ASP A 40 -16.49 13.88 17.67
C ASP A 40 -15.59 12.63 17.73
N ILE A 41 -14.89 12.36 16.63
CA ILE A 41 -14.00 11.21 16.53
C ILE A 41 -12.53 11.62 16.74
N ILE A 42 -12.20 12.86 16.40
CA ILE A 42 -10.85 13.37 16.58
C ILE A 42 -10.90 14.59 17.51
N LYS A 43 -10.14 14.51 18.60
CA LYS A 43 -10.08 15.59 19.59
C LYS A 43 -9.78 16.93 18.91
N GLY A 44 -10.59 17.93 19.21
CA GLY A 44 -10.39 19.25 18.62
C GLY A 44 -11.11 19.48 17.29
N GLU A 45 -11.92 18.50 16.89
CA GLU A 45 -12.76 18.62 15.69
C GLU A 45 -14.14 18.07 16.04
N ALA A 46 -15.15 18.93 15.94
CA ALA A 46 -16.51 18.54 16.23
C ALA A 46 -16.98 17.50 15.22
N GLU A 47 -16.47 17.63 13.98
CA GLU A 47 -16.85 16.75 12.89
C GLU A 47 -15.69 16.61 11.89
N THR A 48 -15.36 15.37 11.53
CA THR A 48 -14.22 15.06 10.67
C THR A 48 -14.69 14.29 9.43
N ARG A 49 -14.19 14.69 8.27
CA ARG A 49 -14.40 13.95 7.04
C ARG A 49 -13.49 12.72 7.09
N VAL A 50 -14.08 11.53 6.89
CA VAL A 50 -13.39 10.25 7.08
C VAL A 50 -13.63 9.33 5.87
N ALA A 51 -12.87 8.24 5.78
CA ALA A 51 -13.24 7.12 4.90
C ALA A 51 -13.83 5.99 5.75
N VAL A 52 -14.86 5.31 5.24
CA VAL A 52 -15.56 4.26 5.99
C VAL A 52 -15.63 2.99 5.12
N LYS A 53 -14.95 1.94 5.58
CA LYS A 53 -14.89 0.65 4.89
C LYS A 53 -15.93 -0.29 5.53
N THR A 54 -16.66 -1.00 4.68
CA THR A 54 -17.75 -1.89 5.09
C THR A 54 -17.63 -3.19 4.32
N VAL A 55 -18.43 -4.19 4.72
CA VAL A 55 -18.41 -5.51 4.06
C VAL A 55 -19.65 -5.69 3.21
N ASN A 56 -19.47 -6.20 1.99
CA ASN A 56 -20.60 -6.62 1.16
C ASN A 56 -21.58 -7.53 1.89
N GLU A 57 -22.85 -7.46 1.49
CA GLU A 57 -23.88 -8.33 2.03
C GLU A 57 -23.64 -9.77 1.60
N SER A 58 -23.01 -9.95 0.44
CA SER A 58 -22.81 -11.27 -0.11
C SER A 58 -21.38 -11.78 0.08
N ALA A 59 -20.60 -11.11 0.94
CA ALA A 59 -19.22 -11.51 1.21
C ALA A 59 -19.18 -12.89 1.85
N SER A 60 -18.29 -13.74 1.35
CA SER A 60 -18.10 -15.08 1.91
C SER A 60 -17.64 -15.01 3.37
N LEU A 61 -17.69 -16.15 4.07
CA LEU A 61 -17.23 -16.20 5.46
C LEU A 61 -15.71 -15.86 5.56
N ARG A 62 -14.92 -16.35 4.61
CA ARG A 62 -13.50 -15.98 4.54
C ARG A 62 -13.32 -14.46 4.43
N GLU A 63 -14.07 -13.83 3.53
CA GLU A 63 -13.99 -12.38 3.34
C GLU A 63 -14.40 -11.63 4.60
N ARG A 64 -15.49 -12.05 5.25
CA ARG A 64 -15.91 -11.45 6.53
C ARG A 64 -14.85 -11.57 7.64
N ILE A 65 -14.19 -12.72 7.71
CA ILE A 65 -13.11 -12.93 8.69
C ILE A 65 -11.90 -12.02 8.39
N GLU A 66 -11.46 -12.01 7.14
CA GLU A 66 -10.35 -11.16 6.71
C GLU A 66 -10.59 -9.66 6.95
N PHE A 67 -11.81 -9.17 6.70
CA PHE A 67 -12.18 -7.77 6.95
C PHE A 67 -12.03 -7.41 8.44
N LEU A 68 -12.48 -8.30 9.33
CA LEU A 68 -12.33 -8.07 10.76
C LEU A 68 -10.87 -8.15 11.21
N ASN A 69 -10.10 -9.08 10.62
CA ASN A 69 -8.67 -9.19 10.91
C ASN A 69 -7.92 -7.92 10.48
N GLU A 70 -8.26 -7.42 9.28
CA GLU A 70 -7.69 -6.17 8.75
C GLU A 70 -7.89 -4.98 9.71
N ALA A 71 -9.12 -4.83 10.22
CA ALA A 71 -9.43 -3.74 11.15
C ALA A 71 -8.61 -3.91 12.43
N SER A 72 -8.57 -5.13 12.94
CA SER A 72 -7.81 -5.46 14.16
C SER A 72 -6.31 -5.14 14.00
N VAL A 73 -5.70 -5.59 12.92
CA VAL A 73 -4.30 -5.30 12.58
C VAL A 73 -3.96 -3.78 12.60
N MET A 74 -4.86 -2.96 12.04
CA MET A 74 -4.69 -1.51 11.99
C MET A 74 -4.66 -0.81 13.36
N LYS A 75 -5.27 -1.41 14.38
CA LYS A 75 -5.31 -0.84 15.74
C LYS A 75 -3.94 -0.69 16.39
N GLY A 76 -2.96 -1.45 15.92
CA GLY A 76 -1.63 -1.45 16.51
C GLY A 76 -0.68 -0.49 15.84
N PHE A 77 -1.14 0.18 14.80
CA PHE A 77 -0.26 1.02 13.98
C PHE A 77 -0.41 2.51 14.28
N THR A 78 0.71 3.16 14.54
CA THR A 78 0.77 4.61 14.63
C THR A 78 2.00 5.11 13.87
N CYS A 79 1.80 5.59 12.66
CA CYS A 79 2.91 6.08 11.83
C CYS A 79 2.36 7.10 10.85
N HIS A 80 3.03 8.22 10.70
CA HIS A 80 2.61 9.26 9.78
C HIS A 80 2.49 8.75 8.34
N HIS A 81 3.24 7.70 8.02
CA HIS A 81 3.24 7.17 6.68
C HIS A 81 2.45 5.88 6.55
N VAL A 82 1.54 5.66 7.50
CA VAL A 82 0.60 4.55 7.42
C VAL A 82 -0.78 5.12 7.67
N VAL A 83 -1.75 4.70 6.85
CA VAL A 83 -3.13 5.13 7.03
C VAL A 83 -3.66 4.81 8.43
N ARG A 84 -4.16 5.84 9.10
CA ARG A 84 -4.59 5.79 10.48
C ARG A 84 -6.02 5.21 10.61
N LEU A 85 -6.19 4.21 11.48
CA LEU A 85 -7.50 3.80 11.95
C LEU A 85 -8.00 4.83 12.96
N LEU A 86 -9.27 5.23 12.83
CA LEU A 86 -9.87 6.25 13.71
C LEU A 86 -10.89 5.68 14.67
N GLY A 87 -11.57 4.63 14.23
CA GLY A 87 -12.54 3.97 15.07
C GLY A 87 -13.27 2.85 14.37
N VAL A 88 -14.05 2.12 15.15
CA VAL A 88 -14.84 1.01 14.67
C VAL A 88 -16.26 1.13 15.24
N VAL A 89 -17.25 1.01 14.36
CA VAL A 89 -18.63 0.84 14.79
C VAL A 89 -18.91 -0.67 14.76
N SER A 90 -19.01 -1.28 15.93
CA SER A 90 -19.20 -2.73 16.02
C SER A 90 -20.45 -3.16 16.79
N LYS A 91 -21.11 -2.21 17.44
CA LYS A 91 -22.39 -2.45 18.09
C LYS A 91 -23.52 -2.43 17.04
N GLY A 92 -24.29 -3.51 16.98
CA GLY A 92 -25.33 -3.63 15.97
C GLY A 92 -24.71 -3.87 14.60
N GLN A 93 -25.46 -3.60 13.53
CA GLN A 93 -24.96 -3.91 12.20
C GLN A 93 -25.33 -2.84 11.15
N PRO A 94 -24.49 -2.69 10.11
CA PRO A 94 -23.25 -3.43 9.88
C PRO A 94 -22.02 -2.81 10.57
N THR A 95 -20.90 -3.52 10.50
CA THR A 95 -19.62 -3.07 11.04
C THR A 95 -18.98 -1.98 10.15
N LEU A 96 -18.73 -0.81 10.74
CA LEU A 96 -18.05 0.26 10.04
C LEU A 96 -16.61 0.39 10.54
N VAL A 97 -15.66 0.39 9.62
CA VAL A 97 -14.25 0.61 9.89
C VAL A 97 -13.86 2.04 9.45
N VAL A 98 -13.60 2.90 10.42
CA VAL A 98 -13.44 4.31 10.16
C VAL A 98 -11.96 4.69 10.11
N MET A 99 -11.54 5.31 9.01
CA MET A 99 -10.16 5.70 8.89
C MET A 99 -9.90 7.08 8.29
N GLU A 100 -8.64 7.48 8.39
CA GLU A 100 -8.10 8.69 7.83
C GLU A 100 -8.55 8.76 6.37
N LEU A 101 -9.22 9.85 6.03
CA LEU A 101 -9.58 10.12 4.64
C LEU A 101 -8.33 10.55 3.88
N MET A 102 -8.06 9.88 2.77
CA MET A 102 -6.94 10.22 1.92
C MET A 102 -7.49 10.93 0.70
N ALA A 103 -7.28 12.23 0.67
CA ALA A 103 -8.02 13.13 -0.21
C ALA A 103 -7.76 12.85 -1.67
N HIS A 104 -6.59 12.31 -2.00
CA HIS A 104 -6.29 12.01 -3.40
C HIS A 104 -6.38 10.54 -3.79
N GLY A 105 -6.96 9.74 -2.90
CA GLY A 105 -7.24 8.35 -3.21
C GLY A 105 -5.95 7.54 -3.21
N ASP A 106 -5.93 6.49 -4.05
CA ASP A 106 -4.79 5.59 -4.18
C ASP A 106 -3.78 6.09 -5.22
N LEU A 107 -2.52 5.73 -5.00
CA LEU A 107 -1.43 6.21 -5.85
C LEU A 107 -1.58 5.75 -7.30
N LYS A 108 -2.15 4.58 -7.52
CA LYS A 108 -2.31 4.08 -8.88
C LYS A 108 -3.26 5.01 -9.66
N SER A 109 -4.41 5.32 -9.08
CA SER A 109 -5.38 6.23 -9.71
C SER A 109 -4.79 7.62 -9.88
N TYR A 110 -4.15 8.11 -8.82
CA TYR A 110 -3.49 9.40 -8.83
C TYR A 110 -2.46 9.50 -9.95
N LEU A 111 -1.51 8.57 -9.99
CA LEU A 111 -0.52 8.51 -11.06
C LEU A 111 -1.14 8.47 -12.46
N ARG A 112 -2.16 7.64 -12.65
CA ARG A 112 -2.83 7.56 -13.97
C ARG A 112 -3.52 8.88 -14.34
N SER A 113 -4.02 9.60 -13.33
CA SER A 113 -4.59 10.94 -13.52
C SER A 113 -3.56 11.95 -14.02
N LEU A 114 -2.27 11.68 -13.76
CA LEU A 114 -1.20 12.61 -14.15
C LEU A 114 -0.65 12.38 -15.56
N ARG A 115 -1.22 11.41 -16.28
CA ARG A 115 -0.86 11.19 -17.68
C ARG A 115 -1.35 12.37 -18.54
N PRO A 116 -0.54 12.77 -19.55
CA PRO A 116 -0.82 13.97 -20.35
C PRO A 116 -2.25 13.99 -20.90
N GLU A 117 -2.71 12.85 -21.42
CA GLU A 117 -4.01 12.71 -22.06
C GLU A 117 -5.11 12.09 -21.19
N ALA A 118 -4.92 12.05 -19.87
CA ALA A 118 -5.94 11.51 -18.96
C ALA A 118 -7.12 12.48 -18.87
N GLU A 119 -8.33 11.96 -19.08
CA GLU A 119 -9.55 12.78 -19.02
C GLU A 119 -9.59 13.57 -17.72
N ASN A 120 -9.32 12.87 -16.61
CA ASN A 120 -9.34 13.44 -15.27
C ASN A 120 -8.06 14.14 -14.83
N ASN A 121 -7.21 14.50 -15.80
CA ASN A 121 -5.98 15.19 -15.47
C ASN A 121 -6.31 16.42 -14.62
N PRO A 122 -5.74 16.47 -13.41
CA PRO A 122 -6.05 17.53 -12.45
C PRO A 122 -5.46 18.89 -12.80
N GLY A 123 -4.78 18.98 -13.95
CA GLY A 123 -4.15 20.23 -14.38
C GLY A 123 -2.87 20.57 -13.63
N ARG A 124 -2.22 19.54 -13.11
CA ARG A 124 -0.91 19.63 -12.44
C ARG A 124 0.05 18.76 -13.24
N PRO A 125 1.36 19.12 -13.27
CA PRO A 125 2.35 18.32 -14.04
C PRO A 125 2.62 16.92 -13.40
N PRO A 126 3.17 15.96 -14.20
CA PRO A 126 3.59 14.66 -13.67
C PRO A 126 4.67 14.84 -12.62
N PRO A 127 4.95 13.79 -11.81
CA PRO A 127 5.87 13.98 -10.69
C PRO A 127 7.27 14.37 -11.14
N THR A 128 7.89 15.32 -10.43
CA THR A 128 9.29 15.63 -10.64
C THR A 128 10.11 14.52 -10.01
N LEU A 129 11.43 14.58 -10.16
CA LEU A 129 12.35 13.62 -9.55
C LEU A 129 12.27 13.74 -8.04
N GLN A 130 12.28 14.98 -7.55
CA GLN A 130 12.21 15.26 -6.12
C GLN A 130 10.93 14.69 -5.52
N GLU A 131 9.85 14.81 -6.27
CA GLU A 131 8.54 14.34 -5.80
C GLU A 131 8.49 12.81 -5.75
N MET A 132 9.04 12.17 -6.77
CA MET A 132 9.22 10.72 -6.79
C MET A 132 10.08 10.20 -5.65
N ILE A 133 11.17 10.91 -5.35
CA ILE A 133 12.07 10.57 -4.25
C ILE A 133 11.35 10.69 -2.91
N GLN A 134 10.54 11.74 -2.78
CA GLN A 134 9.74 11.98 -1.58
C GLN A 134 8.72 10.85 -1.39
N MET A 135 7.99 10.51 -2.46
CA MET A 135 7.07 9.37 -2.44
C MET A 135 7.77 8.09 -1.98
N ALA A 136 8.87 7.75 -2.66
CA ALA A 136 9.69 6.57 -2.32
C ALA A 136 10.06 6.51 -0.85
N ALA A 137 10.64 7.60 -0.33
CA ALA A 137 11.04 7.69 1.07
C ALA A 137 9.86 7.47 2.03
N GLU A 138 8.70 8.03 1.68
CA GLU A 138 7.49 7.92 2.51
C GLU A 138 6.94 6.49 2.52
N ILE A 139 6.82 5.89 1.34
CA ILE A 139 6.42 4.49 1.21
C ILE A 139 7.38 3.60 2.00
N ALA A 140 8.68 3.76 1.76
CA ALA A 140 9.72 2.97 2.45
C ALA A 140 9.68 3.17 3.96
N ASP A 141 9.37 4.39 4.40
CA ASP A 141 9.32 4.68 5.84
C ASP A 141 8.16 3.91 6.50
N GLY A 142 6.98 3.98 5.86
CA GLY A 142 5.79 3.25 6.32
C GLY A 142 6.03 1.74 6.39
N MET A 143 6.69 1.22 5.35
CA MET A 143 7.09 -0.18 5.31
C MET A 143 8.14 -0.58 6.35
N ALA A 144 9.10 0.31 6.62
CA ALA A 144 10.09 0.09 7.69
C ALA A 144 9.40 -0.02 9.04
N TYR A 145 8.45 0.86 9.28
CA TYR A 145 7.62 0.79 10.48
C TYR A 145 6.87 -0.54 10.57
N LEU A 146 6.17 -0.91 9.49
CA LEU A 146 5.42 -2.18 9.43
C LEU A 146 6.31 -3.39 9.78
N ASN A 147 7.44 -3.49 9.09
CA ASN A 147 8.47 -4.50 9.36
C ASN A 147 9.00 -4.54 10.81
N ALA A 148 9.31 -3.37 11.36
CA ALA A 148 9.71 -3.26 12.78
C ALA A 148 8.63 -3.74 13.74
N LYS A 149 7.38 -3.52 13.37
CA LYS A 149 6.23 -4.05 14.11
C LYS A 149 6.05 -5.54 13.88
N LYS A 150 6.89 -6.11 13.01
CA LYS A 150 6.85 -7.53 12.66
C LYS A 150 5.58 -7.95 11.94
N PHE A 151 5.27 -7.20 10.89
CA PHE A 151 4.23 -7.63 9.95
C PHE A 151 4.83 -7.67 8.56
N VAL A 152 4.33 -8.56 7.72
CA VAL A 152 4.67 -8.52 6.32
C VAL A 152 3.39 -8.10 5.60
N HIS A 153 3.50 -7.11 4.72
CA HIS A 153 2.34 -6.55 4.00
C HIS A 153 1.68 -7.47 2.97
N ARG A 154 2.51 -8.02 2.06
CA ARG A 154 2.11 -9.02 1.04
C ARG A 154 1.34 -8.51 -0.19
N ASP A 155 0.91 -7.27 -0.16
CA ASP A 155 0.22 -6.68 -1.30
C ASP A 155 0.63 -5.22 -1.52
N LEU A 156 1.93 -4.94 -1.36
CA LEU A 156 2.46 -3.60 -1.66
C LEU A 156 2.44 -3.33 -3.15
N ALA A 157 1.77 -2.24 -3.50
CA ALA A 157 1.53 -1.87 -4.89
C ALA A 157 1.03 -0.43 -4.81
N ALA A 158 1.12 0.32 -5.92
CA ALA A 158 0.59 1.69 -5.98
C ALA A 158 -0.90 1.76 -5.58
N ARG A 159 -1.69 0.79 -6.03
CA ARG A 159 -3.14 0.74 -5.70
C ARG A 159 -3.42 0.67 -4.19
N ASN A 160 -2.42 0.26 -3.41
CA ASN A 160 -2.56 0.15 -1.95
C ASN A 160 -1.81 1.22 -1.16
N CYS A 161 -1.19 2.13 -1.89
CA CYS A 161 -0.63 3.33 -1.29
C CYS A 161 -1.67 4.43 -1.51
N MET A 162 -1.82 5.31 -0.52
CA MET A 162 -2.86 6.35 -0.57
C MET A 162 -2.23 7.73 -0.53
N VAL A 163 -2.92 8.73 -1.09
CA VAL A 163 -2.35 10.08 -1.21
C VAL A 163 -3.19 11.09 -0.42
N ALA A 164 -2.53 11.81 0.49
CA ALA A 164 -3.21 12.76 1.36
C ALA A 164 -3.49 14.10 0.65
N HIS A 165 -4.19 14.99 1.35
CA HIS A 165 -4.44 16.34 0.87
C HIS A 165 -3.13 17.08 0.50
N ASP A 166 -2.07 16.86 1.27
CA ASP A 166 -0.77 17.49 1.02
C ASP A 166 0.17 16.64 0.16
N PHE A 167 -0.38 15.59 -0.45
CA PHE A 167 0.33 14.67 -1.32
C PHE A 167 1.31 13.74 -0.59
N THR A 168 1.27 13.74 0.73
CA THR A 168 1.96 12.68 1.49
C THR A 168 1.38 11.31 1.09
N VAL A 169 2.28 10.37 0.83
CA VAL A 169 1.88 8.99 0.47
C VAL A 169 1.99 8.14 1.73
N LYS A 170 1.00 7.27 1.93
CA LYS A 170 0.93 6.42 3.12
C LYS A 170 0.52 5.01 2.73
N ILE A 171 1.05 4.02 3.44
CA ILE A 171 0.66 2.61 3.19
C ILE A 171 -0.76 2.34 3.68
N GLY A 172 -1.57 1.71 2.83
CA GLY A 172 -2.91 1.27 3.20
C GLY A 172 -3.17 -0.19 2.88
N ASP A 173 -4.46 -0.56 2.94
CA ASP A 173 -4.95 -1.90 2.63
C ASP A 173 -4.15 -3.07 3.21
N PHE A 174 -4.54 -3.47 4.41
CA PHE A 174 -3.80 -4.45 5.18
C PHE A 174 -4.47 -5.83 5.13
N GLY A 175 -5.26 -6.04 4.07
CA GLY A 175 -5.99 -7.28 3.83
C GLY A 175 -5.13 -8.54 3.76
N MET A 176 -3.91 -8.41 3.23
CA MET A 176 -2.99 -9.53 3.09
C MET A 176 -1.87 -9.53 4.14
N THR A 177 -1.90 -8.57 5.05
CA THR A 177 -0.85 -8.39 6.06
C THR A 177 -0.88 -9.53 7.10
N ARG A 178 0.30 -10.04 7.43
CA ARG A 178 0.42 -11.16 8.38
C ARG A 178 1.51 -10.89 9.41
N ASP A 179 1.24 -11.34 10.62
CA ASP A 179 2.17 -11.24 11.73
C ASP A 179 3.33 -12.21 11.49
N ILE A 180 4.55 -11.70 11.59
CA ILE A 180 5.76 -12.50 11.45
C ILE A 180 6.69 -12.37 12.67
N GLU A 182 7.09 -14.36 15.37
CA GLU A 182 7.74 -15.61 15.78
C GLU A 182 8.85 -16.08 14.82
N THR A 183 8.62 -16.01 13.51
CA THR A 183 9.56 -16.59 12.56
C THR A 183 10.19 -15.69 11.49
N ASP A 184 9.71 -14.45 11.32
CA ASP A 184 10.17 -13.54 10.23
C ASP A 184 9.69 -13.88 8.80
N ARG A 187 4.23 -18.27 5.33
CA ARG A 187 4.22 -19.21 4.22
C ARG A 187 2.79 -19.66 3.95
N LYS A 188 2.38 -19.51 2.70
CA LYS A 188 1.10 -20.02 2.26
C LYS A 188 1.21 -20.49 0.82
N GLY A 189 1.45 -21.79 0.67
CA GLY A 189 1.46 -22.42 -0.65
C GLY A 189 0.05 -22.72 -1.10
N GLY A 190 -0.12 -23.07 -2.37
CA GLY A 190 -1.44 -23.41 -2.91
C GLY A 190 -1.99 -22.39 -3.88
N LYS A 191 -3.24 -22.57 -4.28
CA LYS A 191 -3.91 -21.68 -5.22
C LYS A 191 -4.56 -20.50 -4.51
N GLY A 192 -4.45 -19.30 -5.10
CA GLY A 192 -5.16 -18.12 -4.59
C GLY A 192 -5.31 -17.03 -5.65
N LEU A 193 -6.22 -16.08 -5.42
CA LEU A 193 -6.33 -14.87 -6.22
C LEU A 193 -5.26 -13.93 -5.69
N LEU A 194 -4.15 -13.83 -6.41
CA LEU A 194 -2.93 -13.22 -5.86
C LEU A 194 -2.38 -12.12 -6.76
N PRO A 195 -1.68 -11.12 -6.18
CA PRO A 195 -1.15 -10.00 -6.97
C PRO A 195 0.17 -10.37 -7.71
N VAL A 196 0.05 -11.24 -8.72
CA VAL A 196 1.18 -11.93 -9.35
C VAL A 196 2.26 -11.03 -9.96
N ARG A 197 1.84 -9.96 -10.64
CA ARG A 197 2.73 -8.96 -11.22
C ARG A 197 3.51 -8.15 -10.19
N TRP A 198 3.17 -8.30 -8.90
CA TRP A 198 3.91 -7.64 -7.79
C TRP A 198 4.76 -8.57 -6.90
N MET A 199 4.68 -9.87 -7.16
CA MET A 199 5.21 -10.89 -6.25
C MET A 199 6.65 -11.35 -6.53
N ALA A 200 7.42 -11.57 -5.45
CA ALA A 200 8.81 -12.03 -5.58
C ALA A 200 8.88 -13.47 -6.14
N PRO A 201 9.97 -13.82 -6.86
CA PRO A 201 10.10 -15.21 -7.35
C PRO A 201 10.05 -16.27 -6.26
N GLU A 202 10.66 -16.04 -5.10
CA GLU A 202 10.58 -17.03 -4.00
C GLU A 202 9.17 -17.17 -3.40
N SER A 203 8.34 -16.12 -3.51
CA SER A 203 6.93 -16.21 -3.08
C SER A 203 6.14 -17.07 -4.06
N LEU A 204 6.43 -16.88 -5.33
CA LEU A 204 5.82 -17.63 -6.41
C LEU A 204 6.25 -19.11 -6.31
N LYS A 205 7.51 -19.34 -5.98
CA LYS A 205 8.08 -20.68 -6.01
C LYS A 205 7.83 -21.44 -4.72
N ASP A 206 8.09 -20.80 -3.59
CA ASP A 206 8.06 -21.45 -2.28
C ASP A 206 6.85 -21.04 -1.43
N GLY A 207 6.09 -20.05 -1.91
CA GLY A 207 4.95 -19.55 -1.18
C GLY A 207 5.34 -18.77 0.07
N VAL A 208 6.56 -18.24 0.11
CA VAL A 208 7.06 -17.57 1.30
C VAL A 208 7.02 -16.06 1.15
N PHE A 209 6.59 -15.39 2.22
CA PHE A 209 6.51 -13.94 2.24
C PHE A 209 7.36 -13.39 3.39
N THR A 210 8.20 -12.40 3.07
CA THR A 210 9.10 -11.77 4.05
C THR A 210 9.21 -10.28 3.71
N THR A 211 9.88 -9.51 4.57
CA THR A 211 10.14 -8.10 4.28
C THR A 211 10.91 -7.95 2.96
N SER A 212 11.75 -8.94 2.62
CA SER A 212 12.47 -8.96 1.35
C SER A 212 11.56 -9.16 0.16
N SER A 213 10.49 -9.94 0.31
CA SER A 213 9.50 -10.05 -0.76
C SER A 213 8.61 -8.79 -0.84
N ASP A 214 8.40 -8.11 0.29
CA ASP A 214 7.79 -6.76 0.24
C ASP A 214 8.69 -5.78 -0.51
N MET A 215 10.00 -5.95 -0.37
CA MET A 215 11.00 -5.13 -1.07
C MET A 215 10.95 -5.31 -2.60
N TRP A 216 10.73 -6.53 -3.07
CA TRP A 216 10.49 -6.79 -4.48
C TRP A 216 9.32 -5.93 -4.99
N SER A 217 8.19 -5.99 -4.27
CA SER A 217 6.99 -5.17 -4.57
C SER A 217 7.27 -3.65 -4.54
N PHE A 218 8.07 -3.20 -3.58
CA PHE A 218 8.57 -1.82 -3.56
C PHE A 218 9.25 -1.44 -4.87
N GLY A 219 10.15 -2.28 -5.39
CA GLY A 219 10.70 -2.10 -6.74
C GLY A 219 9.63 -1.90 -7.82
N VAL A 220 8.62 -2.77 -7.82
CA VAL A 220 7.50 -2.61 -8.75
C VAL A 220 6.74 -1.27 -8.53
N VAL A 221 6.59 -0.83 -7.28
CA VAL A 221 5.96 0.47 -7.00
C VAL A 221 6.78 1.61 -7.60
N LEU A 222 8.11 1.55 -7.44
CA LEU A 222 9.00 2.52 -8.10
C LEU A 222 8.78 2.54 -9.59
N TRP A 223 8.57 1.36 -10.16
CA TRP A 223 8.36 1.21 -11.57
C TRP A 223 7.01 1.82 -11.95
N GLU A 224 6.00 1.62 -11.11
CA GLU A 224 4.70 2.25 -11.29
C GLU A 224 4.82 3.77 -11.29
N ILE A 225 5.60 4.32 -10.37
CA ILE A 225 5.73 5.77 -10.25
C ILE A 225 6.30 6.36 -11.56
N THR A 226 7.37 5.73 -12.05
CA THR A 226 8.10 6.25 -13.20
C THR A 226 7.44 5.89 -14.52
N SER A 227 6.49 4.96 -14.50
CA SER A 227 5.72 4.61 -15.69
C SER A 227 4.29 5.22 -15.69
N LEU A 228 3.99 6.00 -14.66
CA LEU A 228 2.63 6.50 -14.42
C LEU A 228 1.64 5.36 -14.36
N ALA A 229 2.00 4.34 -13.58
CA ALA A 229 1.16 3.17 -13.30
C ALA A 229 0.66 2.40 -14.52
N GLU A 230 1.57 2.15 -15.45
CA GLU A 230 1.34 1.19 -16.54
C GLU A 230 1.11 -0.16 -15.89
N GLN A 231 0.61 -1.12 -16.66
CA GLN A 231 0.43 -2.46 -16.11
C GLN A 231 1.77 -3.20 -16.25
N PRO A 232 2.28 -3.79 -15.15
CA PRO A 232 3.58 -4.47 -15.26
C PRO A 232 3.47 -5.73 -16.10
N TYR A 233 4.49 -6.00 -16.93
CA TYR A 233 4.52 -7.17 -17.83
C TYR A 233 3.31 -7.18 -18.76
N GLN A 234 3.10 -6.06 -19.44
CA GLN A 234 1.98 -5.93 -20.34
C GLN A 234 2.26 -6.78 -21.57
N GLY A 235 1.25 -7.50 -22.03
CA GLY A 235 1.43 -8.46 -23.13
C GLY A 235 1.61 -9.87 -22.60
N LEU A 236 1.92 -9.96 -21.30
CA LEU A 236 2.05 -11.25 -20.62
C LEU A 236 0.82 -11.55 -19.78
N SER A 237 0.35 -12.79 -19.85
CA SER A 237 -0.72 -13.28 -18.99
C SER A 237 -0.20 -13.52 -17.56
N ASN A 238 -1.13 -13.74 -16.64
CA ASN A 238 -0.78 -14.01 -15.27
C ASN A 238 0.14 -15.23 -15.16
N GLU A 239 -0.21 -16.30 -15.88
CA GLU A 239 0.56 -17.54 -15.86
C GLU A 239 1.95 -17.42 -16.51
N GLN A 240 2.07 -16.55 -17.51
CA GLN A 240 3.38 -16.27 -18.10
C GLN A 240 4.26 -15.44 -17.17
N VAL A 241 3.68 -14.45 -16.49
CA VAL A 241 4.43 -13.67 -15.48
C VAL A 241 4.98 -14.62 -14.42
N LEU A 242 4.12 -15.54 -13.95
CA LEU A 242 4.51 -16.56 -12.98
C LEU A 242 5.78 -17.31 -13.43
N LYS A 243 5.77 -17.83 -14.66
CA LYS A 243 6.93 -18.52 -15.25
C LYS A 243 8.12 -17.58 -15.41
N PHE A 244 7.88 -16.45 -16.04
CA PHE A 244 8.91 -15.44 -16.34
C PHE A 244 9.68 -15.01 -15.11
N VAL A 245 8.98 -14.59 -14.07
CA VAL A 245 9.64 -14.08 -12.87
C VAL A 245 10.38 -15.17 -12.07
N MET A 246 9.76 -16.34 -11.94
CA MET A 246 10.42 -17.48 -11.29
C MET A 246 11.73 -17.85 -12.02
N ASP A 247 11.81 -17.57 -13.32
CA ASP A 247 12.97 -17.96 -14.13
C ASP A 247 14.03 -16.85 -14.13
N GLY A 248 13.80 -15.80 -13.35
CA GLY A 248 14.77 -14.71 -13.22
C GLY A 248 14.44 -13.47 -14.06
N GLY A 249 13.26 -13.48 -14.68
CA GLY A 249 12.75 -12.31 -15.40
C GLY A 249 12.37 -11.14 -14.51
N TYR A 250 12.59 -9.92 -15.01
CA TYR A 250 12.15 -8.69 -14.31
C TYR A 250 11.75 -7.64 -15.33
N LEU A 251 11.26 -6.50 -14.84
CA LEU A 251 10.68 -5.46 -15.69
C LEU A 251 11.76 -4.62 -16.34
N ASP A 252 11.45 -4.11 -17.54
CA ASP A 252 12.35 -3.21 -18.24
C ASP A 252 12.14 -1.81 -17.71
N GLN A 253 13.10 -0.92 -17.96
CA GLN A 253 12.98 0.45 -17.50
C GLN A 253 11.99 1.26 -18.31
N PRO A 254 11.12 2.02 -17.63
CA PRO A 254 10.18 2.93 -18.30
C PRO A 254 10.92 3.98 -19.12
N ASP A 255 10.24 4.51 -20.15
CA ASP A 255 10.79 5.60 -20.98
C ASP A 255 11.15 6.80 -20.13
N ASN A 256 12.36 7.30 -20.33
CA ASN A 256 12.87 8.47 -19.60
C ASN A 256 12.92 8.31 -18.09
N CYS A 257 12.85 7.08 -17.60
CA CYS A 257 12.95 6.83 -16.16
C CYS A 257 14.28 7.36 -15.67
N PRO A 258 14.29 8.16 -14.60
CA PRO A 258 15.56 8.67 -14.04
C PRO A 258 16.48 7.52 -13.62
N GLU A 259 17.78 7.68 -13.89
CA GLU A 259 18.80 6.66 -13.62
C GLU A 259 18.87 6.22 -12.15
N ARG A 260 18.78 7.18 -11.24
CA ARG A 260 18.80 6.91 -9.81
C ARG A 260 17.68 5.98 -9.34
N VAL A 261 16.52 6.07 -9.99
CA VAL A 261 15.38 5.23 -9.64
C VAL A 261 15.54 3.82 -10.23
N THR A 262 15.98 3.76 -11.49
CA THR A 262 16.39 2.51 -12.14
C THR A 262 17.36 1.69 -11.28
N ASP A 263 18.42 2.34 -10.80
CA ASP A 263 19.43 1.69 -9.94
C ASP A 263 18.80 1.03 -8.70
N LEU A 264 17.92 1.77 -8.04
CA LEU A 264 17.15 1.28 -6.88
C LEU A 264 16.27 0.08 -7.21
N MET A 265 15.48 0.23 -8.27
CA MET A 265 14.60 -0.82 -8.80
C MET A 265 15.29 -2.16 -9.00
N ARG A 266 16.43 -2.11 -9.69
CA ARG A 266 17.28 -3.27 -9.93
C ARG A 266 17.80 -3.93 -8.64
N MET A 267 18.11 -3.11 -7.65
CA MET A 267 18.51 -3.61 -6.34
C MET A 267 17.36 -4.35 -5.64
N CYS A 268 16.13 -3.91 -5.89
CA CYS A 268 14.91 -4.50 -5.32
C CYS A 268 14.56 -5.84 -5.96
N TRP A 269 15.05 -6.02 -7.18
CA TRP A 269 14.74 -7.21 -7.98
C TRP A 269 15.89 -8.23 -8.08
N GLN A 270 16.83 -8.16 -7.15
CA GLN A 270 17.83 -9.21 -6.98
C GLN A 270 17.11 -10.53 -6.75
N PHE A 271 17.52 -11.56 -7.46
CA PHE A 271 16.80 -12.84 -7.42
C PHE A 271 16.82 -13.42 -6.02
N ASN A 272 17.99 -13.29 -5.36
CA ASN A 272 18.22 -13.76 -4.00
C ASN A 272 17.69 -12.74 -3.02
N PRO A 273 16.65 -13.11 -2.22
CA PRO A 273 16.04 -12.14 -1.31
C PRO A 273 17.03 -11.56 -0.32
N ASN A 274 18.07 -12.33 0.01
CA ASN A 274 19.10 -11.88 0.94
C ASN A 274 19.92 -10.73 0.42
N MET A 275 19.88 -10.52 -0.89
CA MET A 275 20.68 -9.45 -1.51
C MET A 275 19.92 -8.13 -1.73
N ARG A 276 18.61 -8.12 -1.46
CA ARG A 276 17.80 -6.90 -1.64
C ARG A 276 18.03 -5.95 -0.49
N PRO A 277 17.84 -4.64 -0.70
CA PRO A 277 18.00 -3.76 0.45
C PRO A 277 16.87 -3.93 1.47
N THR A 278 17.06 -3.33 2.64
CA THR A 278 15.96 -3.25 3.60
C THR A 278 15.29 -1.87 3.44
N PHE A 279 14.13 -1.70 4.06
CA PHE A 279 13.40 -0.44 3.96
C PHE A 279 14.12 0.69 4.69
N LEU A 280 14.74 0.38 5.82
CA LEU A 280 15.59 1.35 6.51
C LEU A 280 16.75 1.82 5.61
N GLU A 281 17.34 0.89 4.85
CA GLU A 281 18.38 1.23 3.87
C GLU A 281 17.90 2.18 2.78
N ILE A 282 16.67 1.99 2.30
CA ILE A 282 16.09 2.90 1.31
C ILE A 282 15.93 4.29 1.88
N VAL A 283 15.34 4.39 3.06
CA VAL A 283 15.15 5.70 3.69
C VAL A 283 16.52 6.37 3.92
N ASN A 284 17.46 5.62 4.47
CA ASN A 284 18.82 6.12 4.71
C ASN A 284 19.44 6.68 3.44
N LEU A 285 19.30 5.96 2.33
CA LEU A 285 19.83 6.38 1.02
C LEU A 285 19.26 7.72 0.56
N LEU A 286 18.00 7.97 0.88
CA LEU A 286 17.27 9.14 0.37
C LEU A 286 17.20 10.32 1.35
N LYS A 287 17.71 10.14 2.57
CA LYS A 287 17.36 11.04 3.70
C LYS A 287 17.76 12.52 3.55
N ASP A 288 18.74 12.78 2.70
CA ASP A 288 19.26 14.13 2.52
C ASP A 288 18.54 14.85 1.37
N ASP A 289 17.67 14.12 0.67
CA ASP A 289 16.98 14.65 -0.50
C ASP A 289 15.49 14.81 -0.25
N LEU A 290 15.12 15.12 0.98
CA LEU A 290 13.70 15.14 1.38
C LEU A 290 13.26 16.47 1.99
N HIS A 291 11.95 16.68 1.99
CA HIS A 291 11.34 17.85 2.61
C HIS A 291 11.74 17.94 4.08
N PRO A 292 12.00 19.18 4.57
CA PRO A 292 12.46 19.39 5.95
C PRO A 292 11.56 18.83 7.07
N SER A 293 10.27 18.63 6.79
CA SER A 293 9.36 18.07 7.80
C SER A 293 9.55 16.57 8.02
N PHE A 294 10.27 15.91 7.12
CA PHE A 294 10.40 14.45 7.16
C PHE A 294 10.96 13.90 8.49
N PRO A 295 12.08 14.45 9.02
CA PRO A 295 12.54 13.95 10.31
C PRO A 295 11.59 14.23 11.50
N GLU A 296 10.68 15.18 11.32
CA GLU A 296 9.68 15.50 12.35
C GLU A 296 8.57 14.47 12.43
N VAL A 297 8.33 13.77 11.30
CA VAL A 297 7.20 12.82 11.14
C VAL A 297 7.58 11.34 10.86
N SER A 298 8.82 11.11 10.44
CA SER A 298 9.26 9.78 9.98
C SER A 298 9.42 8.80 11.11
N PHE A 299 9.13 7.52 10.84
CA PHE A 299 9.53 6.45 11.76
C PHE A 299 11.06 6.33 11.84
N PHE A 300 11.72 6.50 10.69
CA PHE A 300 13.17 6.39 10.57
C PHE A 300 13.87 7.24 11.63
N HIS A 301 13.52 8.53 11.69
CA HIS A 301 14.15 9.50 12.60
C HIS A 301 13.55 9.51 14.00
N SER A 302 12.62 8.59 14.25
CA SER A 302 11.89 8.56 15.52
C SER A 302 12.65 7.77 16.58
N GLU A 303 12.39 8.08 17.85
CA GLU A 303 12.97 7.34 18.98
C GLU A 303 12.64 5.86 18.91
N GLU A 304 11.53 5.53 18.24
CA GLU A 304 11.06 4.15 18.11
C GLU A 304 11.94 3.30 17.20
N ASN A 305 12.63 3.94 16.26
CA ASN A 305 13.56 3.23 15.39
C ASN A 305 14.87 2.93 16.14
N LYS A 306 14.83 1.88 16.94
CA LYS A 306 15.94 1.45 17.79
C LYS A 306 16.34 0.03 17.43
N PRO B 4 -12.13 -0.11 -9.36
CA PRO B 4 -10.93 -0.64 -8.70
C PRO B 4 -10.01 -1.33 -9.70
N TYR B 5 -9.13 -2.21 -9.22
CA TYR B 5 -8.19 -2.94 -10.08
C TYR B 5 -8.21 -4.47 -9.87
N PRO B 6 -9.38 -5.12 -10.09
CA PRO B 6 -9.48 -6.58 -9.96
C PRO B 6 -8.53 -7.34 -10.90
N GLU B 7 -8.24 -6.76 -12.07
CA GLU B 7 -7.24 -7.26 -13.01
C GLU B 7 -5.80 -7.30 -12.45
N ASP B 8 -5.59 -6.66 -11.30
CA ASP B 8 -4.27 -6.67 -10.67
C ASP B 8 -4.05 -7.96 -9.86
N TYR B 9 -5.07 -8.80 -9.83
CA TYR B 9 -4.96 -10.12 -9.19
C TYR B 9 -5.36 -11.17 -10.21
N GLY B 10 -4.73 -12.33 -10.14
CA GLY B 10 -5.14 -13.49 -10.92
C GLY B 10 -5.10 -14.77 -10.12
N ASP B 11 -5.88 -15.75 -10.56
CA ASP B 11 -5.88 -17.09 -9.96
C ASP B 11 -4.65 -17.88 -10.38
N ILE B 12 -3.71 -18.03 -9.45
CA ILE B 12 -2.50 -18.79 -9.73
C ILE B 12 -2.21 -19.70 -8.54
N GLU B 13 -1.31 -20.66 -8.75
CA GLU B 13 -0.79 -21.51 -7.69
C GLU B 13 0.64 -21.10 -7.37
N ILE B 14 0.93 -21.00 -6.07
CA ILE B 14 2.31 -20.79 -5.57
C ILE B 14 2.71 -21.91 -4.61
N GLY B 15 3.97 -21.93 -4.22
CA GLY B 15 4.48 -22.94 -3.28
C GLY B 15 4.92 -24.20 -4.01
#